data_5M6J
#
_entry.id   5M6J
#
_cell.length_a   38.228
_cell.length_b   66.885
_cell.length_c   38.714
_cell.angle_alpha   90.00
_cell.angle_beta   116.57
_cell.angle_gamma   90.00
#
_symmetry.space_group_name_H-M   'P 1 21 1'
#
loop_
_entity.id
_entity.type
_entity.pdbx_description
1 polymer Nitrophorin-7
2 non-polymer 'PROTOPORPHYRIN IX CONTAINING FE'
3 water water
#
_entity_poly.entity_id   1
_entity_poly.type   'polypeptide(L)'
_entity_poly.pdbx_seq_one_letter_code
;PGECSVNVIPKKNLDKAKFFSGTWYVTHYLDMDPQATEKFCFSFAPRESGGTVKEALYHFNVDSKVSFYNTGTGPLESNG
AKYTAKFNTVDKKGKEIKPADEKYSYTVTVIEAAKQSALIHICLQEDGKDIGDLYSVLNRNKNALPNKKIKKALNKVSLV
LTKFVVTKDLDCKYDDKFLSSWQK
;
_entity_poly.pdbx_strand_id   A
#
loop_
_chem_comp.id
_chem_comp.type
_chem_comp.name
_chem_comp.formula
HEM non-polymer 'PROTOPORPHYRIN IX CONTAINING FE' 'C34 H32 Fe N4 O4'
#
# COMPACT_ATOMS: atom_id res chain seq x y z
N PRO A 1 20.78 6.79 -1.54
CA PRO A 1 20.43 5.99 -2.73
C PRO A 1 18.99 5.48 -2.63
N GLY A 2 18.71 4.72 -1.57
CA GLY A 2 17.36 4.23 -1.34
C GLY A 2 16.64 5.10 -0.35
N GLU A 3 17.04 6.37 -0.26
CA GLU A 3 16.49 7.30 0.72
C GLU A 3 15.00 7.57 0.47
N CYS A 4 14.20 7.48 1.53
CA CYS A 4 12.77 7.72 1.39
C CYS A 4 12.44 9.19 1.33
N SER A 5 11.36 9.52 0.62
CA SER A 5 10.97 10.89 0.40
C SER A 5 10.69 11.63 1.71
N VAL A 6 11.06 12.91 1.73
CA VAL A 6 10.70 13.77 2.83
C VAL A 6 9.34 14.40 2.50
N ASN A 7 8.73 15.05 3.48
CA ASN A 7 7.50 15.80 3.26
C ASN A 7 6.32 14.88 2.99
N VAL A 8 6.35 13.73 3.64
CA VAL A 8 5.23 12.80 3.60
C VAL A 8 4.44 13.03 4.88
N ILE A 9 3.30 13.70 4.74
CA ILE A 9 2.52 14.14 5.89
C ILE A 9 1.28 13.28 6.09
N PRO A 10 1.16 12.66 7.27
CA PRO A 10 -0.04 11.89 7.61
C PRO A 10 -1.28 12.78 7.61
N LYS A 11 -2.37 12.29 7.02
CA LYS A 11 -3.67 12.96 7.10
C LYS A 11 -4.02 13.27 8.55
N LYS A 12 -4.52 14.47 8.81
CA LYS A 12 -5.02 14.75 10.14
C LYS A 12 -6.41 14.12 10.25
N ASN A 13 -6.66 13.42 11.35
CA ASN A 13 -7.98 12.84 11.61
C ASN A 13 -8.51 11.90 10.52
N LEU A 14 -7.70 10.94 10.11
CA LEU A 14 -8.17 9.89 9.22
C LEU A 14 -9.28 9.12 9.93
N ASP A 15 -10.36 8.80 9.22
CA ASP A 15 -11.37 7.91 9.78
C ASP A 15 -10.84 6.47 9.74
N LYS A 16 -10.47 5.95 10.91
CA LYS A 16 -9.89 4.62 11.02
C LYS A 16 -10.80 3.51 10.52
N ALA A 17 -12.05 3.48 10.99
CA ALA A 17 -12.95 2.39 10.64
C ALA A 17 -13.18 2.31 9.14
N LYS A 18 -13.22 3.47 8.47
CA LYS A 18 -13.46 3.50 7.03
C LYS A 18 -12.23 3.09 6.23
N PHE A 19 -11.07 3.61 6.63
CA PHE A 19 -9.86 3.29 5.86
C PHE A 19 -9.43 1.85 6.09
N PHE A 20 -9.43 1.45 7.36
CA PHE A 20 -8.99 0.10 7.72
C PHE A 20 -10.16 -0.88 7.60
N SER A 21 -10.69 -1.01 6.39
CA SER A 21 -11.80 -1.91 6.11
C SER A 21 -11.75 -2.23 4.63
N GLY A 22 -12.43 -3.32 4.25
CA GLY A 22 -12.56 -3.69 2.86
C GLY A 22 -11.26 -3.93 2.11
N THR A 23 -11.33 -3.76 0.80
CA THR A 23 -10.19 -3.99 -0.07
C THR A 23 -9.87 -2.72 -0.85
N TRP A 24 -8.58 -2.39 -0.87
CA TRP A 24 -8.07 -1.26 -1.64
C TRP A 24 -7.29 -1.77 -2.84
N TYR A 25 -7.54 -1.16 -3.99
CA TYR A 25 -6.73 -1.42 -5.18
C TYR A 25 -5.79 -0.25 -5.46
N VAL A 26 -4.56 -0.52 -5.86
CA VAL A 26 -3.70 0.55 -6.35
C VAL A 26 -4.02 0.82 -7.81
N THR A 27 -4.53 2.02 -8.09
CA THR A 27 -4.88 2.41 -9.44
C THR A 27 -3.71 3.08 -10.16
N HIS A 28 -2.83 3.73 -9.38
CA HIS A 28 -1.69 4.47 -9.91
C HIS A 28 -0.55 4.34 -8.93
N TYR A 29 0.65 4.02 -9.41
CA TYR A 29 1.79 4.01 -8.51
C TYR A 29 3.00 4.73 -9.08
N LEU A 30 3.82 5.27 -8.20
CA LEU A 30 5.06 5.92 -8.59
C LEU A 30 6.18 5.41 -7.70
N ASP A 31 7.00 4.53 -8.27
CA ASP A 31 8.17 4.03 -7.57
C ASP A 31 9.26 5.07 -7.76
N MET A 32 9.86 5.52 -6.67
CA MET A 32 10.84 6.59 -6.71
C MET A 32 12.21 6.15 -7.24
N ASP A 33 12.34 4.85 -7.52
CA ASP A 33 13.48 4.36 -8.29
C ASP A 33 13.08 4.35 -9.75
N PRO A 34 13.69 5.23 -10.57
CA PRO A 34 13.33 5.33 -11.99
C PRO A 34 13.62 4.06 -12.77
N GLN A 35 14.44 3.17 -12.21
CA GLN A 35 14.82 1.95 -12.90
C GLN A 35 13.96 0.76 -12.50
N ALA A 36 13.04 0.98 -11.57
CA ALA A 36 12.08 -0.05 -11.19
C ALA A 36 10.95 -0.03 -12.21
N THR A 37 11.14 -0.76 -13.30
CA THR A 37 10.21 -0.65 -14.41
C THR A 37 9.39 -1.92 -14.66
N GLU A 38 9.58 -2.93 -13.81
CA GLU A 38 8.69 -4.09 -13.86
C GLU A 38 7.28 -3.64 -13.50
N LYS A 39 6.29 -4.13 -14.25
CA LYS A 39 4.92 -3.71 -14.03
C LYS A 39 4.27 -4.60 -12.98
N PHE A 40 3.57 -3.97 -12.04
CA PHE A 40 2.88 -4.70 -10.97
C PHE A 40 1.44 -4.27 -10.80
N CYS A 41 0.62 -5.18 -10.27
CA CYS A 41 -0.66 -4.81 -9.73
C CYS A 41 -0.62 -5.12 -8.23
N PHE A 42 -1.41 -4.38 -7.46
CA PHE A 42 -1.38 -4.52 -6.01
C PHE A 42 -2.75 -4.25 -5.42
N SER A 43 -3.08 -5.01 -4.39
CA SER A 43 -4.28 -4.76 -3.60
C SER A 43 -4.05 -5.21 -2.17
N PHE A 44 -4.75 -4.61 -1.20
CA PHE A 44 -4.57 -5.00 0.19
C PHE A 44 -5.81 -4.79 1.04
N ALA A 45 -5.82 -5.42 2.21
CA ALA A 45 -6.94 -5.37 3.14
C ALA A 45 -6.38 -5.04 4.51
N PRO A 46 -6.35 -3.75 4.86
CA PRO A 46 -5.78 -3.31 6.13
C PRO A 46 -6.84 -3.25 7.21
N ARG A 47 -6.51 -3.75 8.41
CA ARG A 47 -7.44 -3.74 9.53
C ARG A 47 -6.71 -3.19 10.74
N GLU A 48 -7.44 -2.61 11.68
CA GLU A 48 -6.83 -2.02 12.86
C GLU A 48 -7.67 -2.32 14.10
N SER A 49 -6.98 -2.62 15.20
CA SER A 49 -7.62 -2.86 16.48
C SER A 49 -6.63 -2.67 17.61
N GLY A 50 -7.03 -1.89 18.62
CA GLY A 50 -6.23 -1.71 19.81
C GLY A 50 -4.86 -1.11 19.54
N GLY A 51 -4.77 -0.30 18.49
CA GLY A 51 -3.54 0.37 18.14
C GLY A 51 -2.61 -0.46 17.27
N THR A 52 -3.07 -1.61 16.81
CA THR A 52 -2.24 -2.49 16.00
C THR A 52 -2.90 -2.75 14.65
N VAL A 53 -2.14 -2.54 13.59
CA VAL A 53 -2.59 -2.83 12.23
C VAL A 53 -2.22 -4.25 11.83
N LYS A 54 -3.17 -4.95 11.23
CA LYS A 54 -2.93 -6.27 10.65
C LYS A 54 -3.51 -6.22 9.26
N GLU A 55 -2.64 -6.38 8.25
CA GLU A 55 -3.07 -6.29 6.87
C GLU A 55 -2.63 -7.47 6.02
N ALA A 56 -3.45 -7.79 5.03
CA ALA A 56 -3.14 -8.80 4.02
C ALA A 56 -2.76 -8.06 2.74
N LEU A 57 -1.63 -8.45 2.15
CA LEU A 57 -1.12 -7.79 0.95
C LEU A 57 -1.11 -8.77 -0.22
N TYR A 58 -1.38 -8.26 -1.42
CA TYR A 58 -1.35 -9.07 -2.64
C TYR A 58 -0.62 -8.31 -3.74
N HIS A 59 0.45 -8.91 -4.28
CA HIS A 59 1.16 -8.36 -5.44
C HIS A 59 1.00 -9.29 -6.61
N PHE A 60 0.92 -8.72 -7.81
CA PHE A 60 1.00 -9.51 -9.03
C PHE A 60 2.04 -8.91 -9.97
N ASN A 61 3.10 -9.68 -10.22
CA ASN A 61 4.11 -9.29 -11.19
C ASN A 61 3.61 -9.55 -12.60
N VAL A 62 3.31 -8.48 -13.33
CA VAL A 62 2.77 -8.57 -14.67
C VAL A 62 3.82 -9.08 -15.67
N ASP A 63 5.08 -8.70 -15.44
CA ASP A 63 6.18 -9.15 -16.28
C ASP A 63 6.30 -10.67 -16.24
N SER A 64 6.23 -11.24 -15.04
CA SER A 64 6.50 -12.66 -14.82
C SER A 64 5.25 -13.54 -14.64
N LYS A 65 4.10 -12.90 -14.41
CA LYS A 65 2.82 -13.60 -14.15
C LYS A 65 2.83 -14.37 -12.82
N VAL A 66 3.68 -13.96 -11.90
CA VAL A 66 3.77 -14.58 -10.58
C VAL A 66 3.16 -13.66 -9.53
N SER A 67 2.31 -14.23 -8.66
CA SER A 67 1.72 -13.45 -7.58
C SER A 67 2.37 -13.82 -6.26
N PHE A 68 2.40 -12.88 -5.32
CA PHE A 68 2.84 -13.20 -3.97
C PHE A 68 2.00 -12.55 -2.88
N TYR A 69 1.91 -13.26 -1.76
CA TYR A 69 1.04 -12.89 -0.67
C TYR A 69 1.86 -12.65 0.61
N ASN A 70 1.54 -11.58 1.31
CA ASN A 70 2.17 -11.28 2.58
C ASN A 70 1.13 -10.87 3.59
N THR A 71 1.48 -10.98 4.87
CA THR A 71 0.72 -10.27 5.89
C THR A 71 1.66 -9.36 6.67
N GLY A 72 1.17 -8.18 7.04
CA GLY A 72 2.00 -7.22 7.78
C GLY A 72 1.31 -6.86 9.08
N THR A 73 2.11 -6.65 10.12
CA THR A 73 1.58 -6.25 11.42
C THR A 73 2.48 -5.23 12.08
N GLY A 74 1.89 -4.17 12.63
CA GLY A 74 2.66 -3.18 13.34
C GLY A 74 1.81 -2.16 14.06
N PRO A 75 2.45 -1.36 14.93
CA PRO A 75 1.77 -0.34 15.73
C PRO A 75 1.36 0.87 14.91
N LEU A 76 0.12 1.31 15.11
CA LEU A 76 -0.39 2.53 14.49
C LEU A 76 0.10 3.73 15.30
N GLU A 77 0.68 4.73 14.63
CA GLU A 77 1.19 5.89 15.35
C GLU A 77 0.02 6.66 15.97
N SER A 78 0.33 7.46 16.99
CA SER A 78 -0.71 8.20 17.70
C SER A 78 -1.49 9.12 16.76
N ASN A 79 -0.83 9.57 15.70
CA ASN A 79 -1.49 10.41 14.69
C ASN A 79 -2.63 9.69 13.95
N GLY A 80 -2.64 8.36 14.02
CA GLY A 80 -3.73 7.57 13.50
C GLY A 80 -3.72 7.33 11.99
N ALA A 81 -2.64 7.70 11.31
CA ALA A 81 -2.57 7.60 9.85
C ALA A 81 -1.18 7.23 9.35
N LYS A 82 -0.43 6.55 10.21
CA LYS A 82 0.92 6.10 9.84
C LYS A 82 1.25 4.86 10.67
N TYR A 83 1.89 3.88 10.05
CA TYR A 83 2.27 2.67 10.78
C TYR A 83 3.49 1.99 10.18
N THR A 84 4.25 1.30 11.03
CA THR A 84 5.41 0.55 10.61
C THR A 84 5.17 -0.93 10.86
N ALA A 85 5.29 -1.73 9.82
CA ALA A 85 4.90 -3.13 9.91
C ALA A 85 6.06 -4.06 9.65
N LYS A 86 5.99 -5.23 10.30
CA LYS A 86 6.85 -6.35 9.98
C LYS A 86 5.98 -7.29 9.17
N PHE A 87 6.57 -8.04 8.24
CA PHE A 87 5.79 -8.86 7.34
C PHE A 87 6.32 -10.27 7.15
N ASN A 88 5.40 -11.21 6.99
CA ASN A 88 5.74 -12.57 6.60
C ASN A 88 5.27 -12.86 5.20
N THR A 89 5.52 -14.07 4.71
CA THR A 89 5.01 -14.50 3.42
C THR A 89 4.02 -15.62 3.67
N VAL A 90 2.84 -15.53 3.06
CA VAL A 90 1.85 -16.59 3.20
C VAL A 90 1.46 -17.16 1.85
N ASP A 91 0.76 -18.30 1.85
CA ASP A 91 0.21 -18.82 0.60
C ASP A 91 -1.20 -18.28 0.39
N LYS A 92 -1.85 -18.74 -0.67
CA LYS A 92 -3.14 -18.17 -1.03
C LYS A 92 -4.23 -18.48 -0.01
N LYS A 93 -3.99 -19.48 0.83
CA LYS A 93 -4.96 -19.85 1.85
C LYS A 93 -4.67 -19.20 3.20
N GLY A 94 -3.61 -18.41 3.25
CA GLY A 94 -3.28 -17.64 4.44
C GLY A 94 -2.24 -18.27 5.35
N LYS A 95 -1.72 -19.43 4.96
CA LYS A 95 -0.76 -20.16 5.78
C LYS A 95 0.64 -19.62 5.56
N GLU A 96 1.37 -19.41 6.65
CA GLU A 96 2.73 -18.89 6.58
C GLU A 96 3.68 -19.86 5.87
N ILE A 97 4.33 -19.36 4.82
CA ILE A 97 5.30 -20.16 4.07
C ILE A 97 6.73 -19.63 4.23
N LYS A 98 6.85 -18.46 4.87
CA LYS A 98 8.15 -17.92 5.26
C LYS A 98 7.95 -16.93 6.39
N PRO A 99 8.70 -17.10 7.50
CA PRO A 99 8.53 -16.20 8.65
C PRO A 99 9.00 -14.77 8.34
N ALA A 100 8.58 -13.83 9.16
CA ALA A 100 9.05 -12.45 9.03
C ALA A 100 10.54 -12.39 9.26
N ASP A 101 11.25 -11.73 8.36
CA ASP A 101 12.66 -11.41 8.56
C ASP A 101 12.75 -10.11 9.37
N GLU A 102 13.23 -10.22 10.60
CA GLU A 102 13.28 -9.10 11.54
C GLU A 102 14.05 -7.88 11.00
N LYS A 103 14.94 -8.10 10.05
CA LYS A 103 15.72 -6.98 9.53
C LYS A 103 14.93 -6.11 8.55
N TYR A 104 13.78 -6.59 8.07
CA TYR A 104 12.97 -5.78 7.15
C TYR A 104 11.70 -5.22 7.78
N SER A 105 11.33 -4.02 7.34
CA SER A 105 10.07 -3.41 7.71
C SER A 105 9.60 -2.50 6.59
N TYR A 106 8.38 -1.99 6.72
CA TYR A 106 7.92 -0.93 5.83
C TYR A 106 7.05 0.04 6.63
N THR A 107 7.03 1.29 6.20
CA THR A 107 6.25 2.29 6.88
C THR A 107 5.24 2.89 5.93
N VAL A 108 3.95 2.74 6.27
CA VAL A 108 2.87 3.30 5.46
C VAL A 108 2.39 4.62 6.05
N THR A 109 2.26 5.62 5.20
CA THR A 109 1.64 6.87 5.60
C THR A 109 0.42 7.08 4.72
N VAL A 110 -0.74 7.28 5.35
CA VAL A 110 -1.93 7.68 4.61
C VAL A 110 -1.94 9.19 4.53
N ILE A 111 -1.57 9.70 3.35
CA ILE A 111 -1.45 11.14 3.14
C ILE A 111 -2.82 11.81 3.00
N GLU A 112 -3.73 11.13 2.30
CA GLU A 112 -5.05 11.69 2.06
C GLU A 112 -6.05 10.59 1.76
N ALA A 113 -7.32 10.84 2.10
CA ALA A 113 -8.40 9.93 1.80
C ALA A 113 -9.64 10.78 1.53
N ALA A 114 -10.38 10.40 0.49
CA ALA A 114 -11.55 11.16 0.09
C ALA A 114 -12.47 10.26 -0.70
N LYS A 115 -13.74 10.26 -0.32
CA LYS A 115 -14.74 9.38 -0.94
C LYS A 115 -14.22 7.95 -1.01
N GLN A 116 -14.10 7.42 -2.22
CA GLN A 116 -13.61 6.06 -2.41
C GLN A 116 -12.15 6.00 -2.82
N SER A 117 -11.42 7.09 -2.59
CA SER A 117 -10.02 7.24 -3.00
C SER A 117 -9.09 7.48 -1.82
N ALA A 118 -7.81 7.21 -2.01
CA ALA A 118 -6.82 7.55 -1.00
C ALA A 118 -5.46 7.70 -1.66
N LEU A 119 -4.56 8.37 -0.95
CA LEU A 119 -3.18 8.49 -1.37
C LEU A 119 -2.30 7.99 -0.24
N ILE A 120 -1.48 6.97 -0.51
CA ILE A 120 -0.54 6.48 0.49
C ILE A 120 0.90 6.53 0.02
N HIS A 121 1.81 6.47 0.99
CA HIS A 121 3.24 6.42 0.72
C HIS A 121 3.82 5.26 1.50
N ILE A 122 4.74 4.51 0.90
CA ILE A 122 5.35 3.38 1.59
C ILE A 122 6.86 3.52 1.56
N CYS A 123 7.48 3.45 2.73
CA CYS A 123 8.95 3.48 2.83
C CYS A 123 9.42 2.10 3.28
N LEU A 124 10.20 1.43 2.42
CA LEU A 124 10.74 0.12 2.75
C LEU A 124 12.06 0.31 3.46
N GLN A 125 12.29 -0.45 4.53
CA GLN A 125 13.56 -0.34 5.26
C GLN A 125 14.21 -1.69 5.56
N GLU A 126 15.52 -1.64 5.74
CA GLU A 126 16.31 -2.79 6.16
C GLU A 126 17.19 -2.32 7.31
N ASP A 127 17.07 -2.97 8.46
CA ASP A 127 17.78 -2.56 9.67
C ASP A 127 17.53 -1.08 10.02
N GLY A 128 16.30 -0.61 9.81
CA GLY A 128 15.92 0.75 10.17
C GLY A 128 16.41 1.84 9.23
N LYS A 129 17.00 1.43 8.11
CA LYS A 129 17.51 2.37 7.12
C LYS A 129 16.73 2.28 5.81
N ASP A 130 16.46 3.43 5.20
CA ASP A 130 15.68 3.48 3.96
C ASP A 130 16.32 2.65 2.87
N ILE A 131 15.51 1.86 2.17
CA ILE A 131 16.00 1.14 1.01
C ILE A 131 15.17 1.38 -0.23
N GLY A 132 14.08 2.15 -0.09
CA GLY A 132 13.25 2.49 -1.22
C GLY A 132 11.86 2.98 -0.82
N ASP A 133 11.22 3.71 -1.73
CA ASP A 133 9.87 4.20 -1.45
C ASP A 133 8.98 4.33 -2.68
N LEU A 134 7.68 4.35 -2.44
CA LEU A 134 6.70 4.37 -3.51
C LEU A 134 5.44 5.12 -3.05
N TYR A 135 4.83 5.85 -3.97
CA TYR A 135 3.51 6.43 -3.73
C TYR A 135 2.48 5.58 -4.47
N SER A 136 1.31 5.41 -3.85
CA SER A 136 0.21 4.68 -4.47
C SER A 136 -1.09 5.45 -4.34
N VAL A 137 -1.81 5.61 -5.44
CA VAL A 137 -3.19 6.05 -5.39
C VAL A 137 -4.08 4.82 -5.25
N LEU A 138 -4.97 4.86 -4.26
CA LEU A 138 -5.86 3.76 -3.95
C LEU A 138 -7.29 4.09 -4.36
N ASN A 139 -8.03 3.05 -4.78
CA ASN A 139 -9.47 3.19 -5.00
C ASN A 139 -10.19 1.89 -4.67
N ARG A 140 -11.44 2.02 -4.23
CA ARG A 140 -12.28 0.85 -4.00
C ARG A 140 -12.64 0.17 -5.32
N ASN A 141 -12.57 0.93 -6.41
CA ASN A 141 -12.85 0.40 -7.75
C ASN A 141 -11.60 0.46 -8.60
N LYS A 142 -11.15 -0.70 -9.10
CA LYS A 142 -9.90 -0.82 -9.85
C LYS A 142 -9.89 0.09 -11.08
N ASN A 143 -11.07 0.33 -11.63
CA ASN A 143 -11.17 1.05 -12.90
C ASN A 143 -11.43 2.54 -12.75
N ALA A 144 -11.47 3.03 -11.52
CA ALA A 144 -11.86 4.42 -11.27
C ALA A 144 -10.67 5.38 -11.18
N LEU A 145 -10.94 6.64 -11.52
CA LEU A 145 -9.95 7.70 -11.43
C LEU A 145 -10.02 8.34 -10.05
N PRO A 146 -8.91 8.92 -9.58
CA PRO A 146 -8.89 9.51 -8.24
C PRO A 146 -9.76 10.75 -8.10
N ASN A 147 -10.29 10.93 -6.89
CA ASN A 147 -10.99 12.14 -6.52
C ASN A 147 -10.04 13.33 -6.62
N LYS A 148 -10.58 14.51 -6.92
CA LYS A 148 -9.74 15.71 -7.03
C LYS A 148 -8.92 16.00 -5.77
N LYS A 149 -9.48 15.66 -4.61
CA LYS A 149 -8.80 15.86 -3.33
C LYS A 149 -7.48 15.12 -3.29
N ILE A 150 -7.44 13.96 -3.94
CA ILE A 150 -6.21 13.18 -4.07
C ILE A 150 -5.21 13.89 -4.98
N LYS A 151 -5.72 14.53 -6.03
CA LYS A 151 -4.89 15.37 -6.90
C LYS A 151 -4.27 16.55 -6.16
N LYS A 152 -5.10 17.26 -5.39
CA LYS A 152 -4.63 18.38 -4.59
C LYS A 152 -3.46 17.94 -3.72
N ALA A 153 -3.64 16.80 -3.07
CA ALA A 153 -2.61 16.23 -2.20
C ALA A 153 -1.33 15.94 -2.97
N LEU A 154 -1.47 15.41 -4.17
CA LEU A 154 -0.29 15.15 -5.00
C LEU A 154 0.38 16.48 -5.33
N ASN A 155 -0.43 17.47 -5.68
CA ASN A 155 0.07 18.79 -6.07
C ASN A 155 0.76 19.53 -4.93
N LYS A 156 0.35 19.24 -3.69
CA LYS A 156 0.94 19.91 -2.53
C LYS A 156 2.41 19.52 -2.34
N VAL A 157 2.74 18.29 -2.69
CA VAL A 157 4.12 17.83 -2.60
C VAL A 157 4.80 17.73 -3.96
N SER A 158 4.34 18.55 -4.90
CA SER A 158 5.00 18.72 -6.19
C SER A 158 5.14 17.41 -6.97
N LEU A 159 4.16 16.53 -6.84
CA LEU A 159 4.08 15.34 -7.67
C LEU A 159 2.91 15.49 -8.63
N VAL A 160 3.09 15.01 -9.86
CA VAL A 160 2.00 15.05 -10.83
C VAL A 160 1.56 13.63 -11.24
N LEU A 161 0.26 13.46 -11.38
CA LEU A 161 -0.32 12.14 -11.60
C LEU A 161 0.15 11.49 -12.90
N THR A 162 0.47 12.30 -13.90
CA THR A 162 0.93 11.77 -15.17
C THR A 162 2.20 10.91 -15.06
N LYS A 163 2.98 11.14 -14.00
CA LYS A 163 4.22 10.38 -13.79
C LYS A 163 3.96 8.95 -13.32
N PHE A 164 2.74 8.69 -12.87
CA PHE A 164 2.39 7.40 -12.29
C PHE A 164 2.10 6.34 -13.35
N VAL A 165 2.36 5.08 -12.99
CA VAL A 165 1.95 3.95 -13.80
C VAL A 165 0.46 3.72 -13.57
N VAL A 166 -0.29 3.54 -14.65
CA VAL A 166 -1.72 3.28 -14.55
C VAL A 166 -1.97 1.78 -14.61
N THR A 167 -2.52 1.22 -13.54
CA THR A 167 -2.65 -0.22 -13.46
C THR A 167 -3.84 -0.79 -14.24
N LYS A 168 -4.90 0.01 -14.43
CA LYS A 168 -6.11 -0.49 -15.10
C LYS A 168 -5.84 -0.94 -16.54
N ASP A 169 -4.74 -0.45 -17.11
CA ASP A 169 -4.33 -0.78 -18.47
C ASP A 169 -3.47 -2.04 -18.51
N LEU A 170 -3.02 -2.50 -17.35
CA LEU A 170 -2.18 -3.70 -17.27
C LEU A 170 -3.04 -4.95 -17.26
N ASP A 171 -2.43 -6.10 -17.59
CA ASP A 171 -3.15 -7.36 -17.48
C ASP A 171 -3.08 -7.89 -16.06
N CYS A 172 -3.75 -7.20 -15.13
CA CYS A 172 -3.77 -7.62 -13.73
C CYS A 172 -4.58 -8.88 -13.52
N LYS A 173 -4.07 -9.75 -12.66
CA LYS A 173 -4.85 -10.82 -12.09
C LYS A 173 -4.85 -10.57 -10.59
N TYR A 174 -6.05 -10.51 -10.01
CA TYR A 174 -6.19 -10.29 -8.58
C TYR A 174 -6.70 -11.52 -7.87
N ASP A 175 -6.21 -11.78 -6.68
CA ASP A 175 -6.88 -12.72 -5.79
C ASP A 175 -7.74 -11.90 -4.85
N ASP A 176 -9.01 -11.73 -5.23
CA ASP A 176 -9.96 -10.94 -4.44
C ASP A 176 -10.47 -11.73 -3.24
N LYS A 177 -10.51 -13.06 -3.38
CA LYS A 177 -11.04 -13.91 -2.31
C LYS A 177 -10.11 -13.92 -1.10
N PHE A 178 -8.81 -13.90 -1.36
CA PHE A 178 -7.81 -13.81 -0.31
C PHE A 178 -8.06 -12.55 0.54
N LEU A 179 -8.37 -11.45 -0.13
CA LEU A 179 -8.53 -10.19 0.58
C LEU A 179 -9.90 -10.03 1.22
N SER A 180 -10.94 -10.51 0.54
CA SER A 180 -12.28 -10.35 1.08
C SER A 180 -12.47 -11.24 2.31
N SER A 181 -11.75 -12.35 2.37
N SER A 181 -11.75 -12.35 2.36
CA SER A 181 -11.89 -13.29 3.47
CA SER A 181 -11.87 -13.31 3.45
C SER A 181 -10.92 -12.99 4.62
C SER A 181 -10.92 -12.99 4.61
N TRP A 182 -10.17 -11.91 4.48
CA TRP A 182 -9.20 -11.50 5.50
C TRP A 182 -9.85 -11.28 6.88
N GLN A 183 -9.37 -12.04 7.86
CA GLN A 183 -9.87 -11.99 9.24
C GLN A 183 -11.35 -12.37 9.38
N LYS A 184 -11.85 -13.19 8.47
CA LYS A 184 -13.20 -13.74 8.63
C LYS A 184 -13.15 -15.01 9.48
CHA HEM B . 7.88 -6.09 -2.55
CHB HEM B . 6.46 -3.12 -6.13
CHC HEM B . 2.77 -1.61 -3.35
CHD HEM B . 4.74 -3.84 0.48
C1A HEM B . 7.80 -5.44 -3.76
C2A HEM B . 8.66 -5.66 -4.91
C3A HEM B . 8.28 -4.85 -5.89
C4A HEM B . 7.16 -4.07 -5.41
CMA HEM B . 8.91 -4.73 -7.29
CAA HEM B . 9.82 -6.69 -4.96
CBA HEM B . 9.25 -7.95 -5.59
CGA HEM B . 10.32 -9.00 -5.70
O1A HEM B . 11.19 -9.06 -4.80
O2A HEM B . 10.28 -9.78 -6.70
C1B HEM B . 5.28 -2.54 -5.72
C2B HEM B . 4.36 -1.80 -6.56
C3B HEM B . 3.36 -1.37 -5.80
C4B HEM B . 3.58 -1.86 -4.45
CMB HEM B . 4.59 -1.54 -8.06
CAB HEM B . 2.11 -0.57 -6.23
CBB HEM B . 1.38 -0.99 -7.27
C1C HEM B . 3.02 -2.01 -2.05
C2C HEM B . 2.28 -1.61 -0.88
C3C HEM B . 2.82 -2.22 0.19
C4C HEM B . 3.92 -3.04 -0.29
CMC HEM B . 1.09 -0.62 -0.94
CAC HEM B . 2.40 -2.16 1.68
CBC HEM B . 1.15 -1.87 2.10
C1D HEM B . 5.69 -4.73 0.01
C2D HEM B . 6.29 -5.77 0.81
C3D HEM B . 7.28 -6.50 -0.09
C4D HEM B . 7.19 -5.81 -1.39
CMD HEM B . 5.98 -6.08 2.29
CAD HEM B . 8.12 -7.70 0.38
CBD HEM B . 9.35 -8.06 -0.44
CGD HEM B . 9.85 -9.42 -0.05
O1D HEM B . 9.08 -10.21 0.57
O2D HEM B . 11.02 -9.74 -0.38
NA HEM B . 6.89 -4.45 -4.11
NB HEM B . 4.76 -2.56 -4.44
NC HEM B . 4.01 -2.88 -1.65
ND HEM B . 6.24 -4.79 -1.26
FE HEM B . 5.42 -3.75 -2.86
#